data_3GZ9
#
_entry.id   3GZ9
#
_cell.length_a   94.577
_cell.length_b   92.129
_cell.length_c   39.555
_cell.angle_alpha   90.000
_cell.angle_beta   90.000
_cell.angle_gamma   90.000
#
_symmetry.space_group_name_H-M   'P 21 21 2'
#
loop_
_entity.id
_entity.type
_entity.pdbx_description
1 polymer 'Peroxisome proliferator-activated receptor delta'
2 non-polymer 'heptyl beta-D-glucopyranoside'
3 non-polymer '(2,3-dimethyl-4-{[2-(prop-2-yn-1-yloxy)-4-{[4-(trifluoromethyl)phenoxy]methyl}phenyl]sulfanyl}phenoxy)acetic acid'
4 water water
#
_entity_poly.entity_id   1
_entity_poly.type   'polypeptide(L)'
_entity_poly.pdbx_seq_one_letter_code
;QVADLKAFSKHIYNAYLKNFNMTKKKARSILTGKASHTAPFVIHDIETLWQAEKGLVWKQLVNGLPPYKEISVHVFYRCQ
CTTVETVRELTEFAKSIPSFGSLFLNDQVTLLKYGVHEAIFAMLASLVNKDGLLVANGSGFVTREFLRSLRKPFSDIIEP
KFEFAVKFNALELDDSDLALFIAAIILCGDRPGLMNVPRVEAIQDTILRALEFHLQANHPDAQYLFPKLLQKMADLRQLV
TEHAQMMQRIKKTETETSLHPLLQEIYKD
;
_entity_poly.pdbx_strand_id   A
#
# COMPACT_ATOMS: atom_id res chain seq x y z
N GLN A 1 27.28 13.49 6.45
CA GLN A 1 25.90 12.88 6.49
C GLN A 1 24.86 13.72 5.76
N VAL A 2 24.53 14.88 6.33
CA VAL A 2 23.44 15.77 5.91
C VAL A 2 23.20 15.94 4.39
N ALA A 3 24.27 16.11 3.59
CA ALA A 3 24.17 16.20 2.08
C ALA A 3 24.03 14.85 1.36
N ASP A 4 24.64 13.83 1.96
CA ASP A 4 24.32 12.42 1.73
C ASP A 4 22.79 12.17 1.92
N LEU A 5 22.29 12.46 3.13
CA LEU A 5 20.89 12.21 3.46
C LEU A 5 19.95 12.86 2.46
N LYS A 6 20.19 14.13 2.16
CA LYS A 6 19.35 14.90 1.25
C LYS A 6 19.38 14.24 -0.15
N ALA A 7 20.53 13.73 -0.56
CA ALA A 7 20.62 13.13 -1.85
C ALA A 7 20.10 11.67 -1.84
N PHE A 8 20.10 11.03 -0.67
CA PHE A 8 19.64 9.64 -0.55
C PHE A 8 18.13 9.77 -0.64
N SER A 9 17.55 10.77 0.04
CA SER A 9 16.14 11.00 -0.02
C SER A 9 15.65 11.29 -1.43
N LYS A 10 16.49 12.01 -2.21
CA LYS A 10 16.19 12.43 -3.57
C LYS A 10 16.08 11.26 -4.51
N HIS A 11 17.05 10.37 -4.42
CA HIS A 11 17.06 9.16 -5.17
C HIS A 11 15.86 8.23 -4.84
N ILE A 12 15.47 8.20 -3.56
CA ILE A 12 14.34 7.34 -3.17
C ILE A 12 13.03 7.98 -3.70
N TYR A 13 12.93 9.29 -3.55
CA TYR A 13 11.80 10.05 -4.13
C TYR A 13 11.67 9.84 -5.65
N ASN A 14 12.79 9.77 -6.37
CA ASN A 14 12.83 9.56 -7.80
C ASN A 14 12.38 8.16 -8.17
N ALA A 15 12.85 7.18 -7.38
CA ALA A 15 12.47 5.80 -7.56
C ALA A 15 10.93 5.62 -7.38
N TYR A 16 10.40 6.30 -6.40
CA TYR A 16 9.02 6.25 -6.17
C TYR A 16 8.24 6.87 -7.40
N LEU A 17 8.49 8.14 -7.78
CA LEU A 17 7.88 8.80 -8.98
C LEU A 17 8.00 7.96 -10.27
N LYS A 18 9.10 7.26 -10.33
CA LYS A 18 9.38 6.43 -11.48
C LYS A 18 8.54 5.14 -11.56
N ASN A 19 8.14 4.57 -10.42
CA ASN A 19 7.67 3.18 -10.32
C ASN A 19 6.21 3.07 -9.95
N PHE A 20 5.61 4.13 -9.43
CA PHE A 20 4.25 3.99 -8.98
C PHE A 20 3.37 4.68 -10.01
N ASN A 21 2.35 3.98 -10.50
CA ASN A 21 1.42 4.60 -11.46
C ASN A 21 0.60 5.68 -10.88
N MET A 22 0.43 5.68 -9.56
CA MET A 22 -0.40 6.74 -8.97
C MET A 22 0.33 7.45 -7.83
N THR A 23 0.16 8.77 -7.68
CA THR A 23 0.86 9.47 -6.61
C THR A 23 -0.21 10.09 -5.77
N LYS A 24 0.07 10.48 -4.55
CA LYS A 24 -0.93 11.15 -3.76
C LYS A 24 -1.24 12.54 -4.30
N LYS A 25 -0.26 13.10 -5.01
CA LYS A 25 -0.38 14.46 -5.61
C LYS A 25 -1.42 14.32 -6.66
N LYS A 26 -1.32 13.34 -7.55
CA LYS A 26 -2.39 13.21 -8.51
C LYS A 26 -3.73 12.82 -7.85
N ALA A 27 -3.74 11.86 -6.87
CA ALA A 27 -4.97 11.48 -6.18
C ALA A 27 -5.64 12.68 -5.55
N ARG A 28 -4.85 13.48 -4.86
CA ARG A 28 -5.42 14.61 -4.11
C ARG A 28 -6.02 15.69 -5.01
N SER A 29 -5.44 15.92 -6.17
CA SER A 29 -6.06 16.91 -7.03
C SER A 29 -7.32 16.30 -7.70
N ILE A 30 -7.25 15.06 -8.17
CA ILE A 30 -8.51 14.43 -8.64
C ILE A 30 -9.62 14.50 -7.60
N LEU A 31 -9.35 14.04 -6.39
CA LEU A 31 -10.33 14.06 -5.29
C LEU A 31 -10.82 15.42 -4.88
N THR A 32 -10.06 16.46 -5.14
CA THR A 32 -10.56 17.79 -4.77
C THR A 32 -11.23 18.44 -6.00
N GLY A 33 -11.01 17.90 -7.19
CA GLY A 33 -11.55 18.55 -8.39
C GLY A 33 -10.71 19.71 -8.93
N LYS A 34 -9.38 19.54 -8.94
CA LYS A 34 -8.47 20.32 -9.83
C LYS A 34 -8.20 19.54 -11.12
N ALA A 35 -8.00 18.23 -10.97
CA ALA A 35 -7.98 17.24 -12.07
C ALA A 35 -9.37 16.55 -12.36
N ALA A 39 -14.67 14.01 -12.50
CA ALA A 39 -14.15 13.15 -13.58
C ALA A 39 -14.09 11.64 -13.33
N PRO A 40 -13.78 11.17 -12.06
CA PRO A 40 -13.72 9.66 -11.86
C PRO A 40 -15.11 8.94 -11.99
N PHE A 41 -15.18 7.81 -12.69
CA PHE A 41 -16.44 7.07 -12.77
C PHE A 41 -16.83 6.47 -11.42
N VAL A 42 -18.02 6.80 -10.89
CA VAL A 42 -18.38 6.31 -9.58
C VAL A 42 -18.94 4.88 -9.55
N ILE A 43 -18.15 3.95 -8.98
CA ILE A 43 -18.53 2.55 -8.78
C ILE A 43 -19.23 2.32 -7.49
N HIS A 44 -20.50 1.91 -7.57
CA HIS A 44 -21.26 1.88 -6.35
C HIS A 44 -22.29 0.79 -6.36
N ASP A 45 -22.25 -0.10 -7.38
CA ASP A 45 -23.19 -1.24 -7.43
C ASP A 45 -22.80 -2.17 -8.57
N ILE A 46 -23.59 -3.21 -8.82
CA ILE A 46 -23.17 -4.26 -9.86
C ILE A 46 -22.97 -3.64 -11.23
N GLU A 47 -23.92 -2.83 -11.62
CA GLU A 47 -23.93 -2.26 -12.96
C GLU A 47 -22.81 -1.20 -13.22
N THR A 48 -22.48 -0.36 -12.25
CA THR A 48 -21.29 0.50 -12.38
C THR A 48 -19.98 -0.34 -12.39
N LEU A 49 -19.88 -1.40 -11.58
CA LEU A 49 -18.66 -2.21 -11.64
C LEU A 49 -18.48 -2.73 -13.06
N TRP A 50 -19.57 -3.19 -13.70
CA TRP A 50 -19.56 -3.73 -15.09
C TRP A 50 -19.16 -2.67 -16.04
N GLN A 51 -19.79 -1.53 -15.91
CA GLN A 51 -19.40 -0.44 -16.74
C GLN A 51 -17.90 -0.10 -16.61
N ALA A 52 -17.46 0.14 -15.38
CA ALA A 52 -16.06 0.43 -15.07
C ALA A 52 -15.13 -0.61 -15.66
N GLU A 53 -15.49 -1.90 -15.68
CA GLU A 53 -14.60 -2.99 -16.18
C GLU A 53 -14.61 -3.21 -17.70
N LYS A 54 -15.58 -2.58 -18.34
CA LYS A 54 -15.80 -2.67 -19.74
C LYS A 54 -14.97 -1.57 -20.42
N GLY A 55 -13.96 -1.04 -19.73
CA GLY A 55 -12.94 -0.17 -20.35
C GLY A 55 -12.87 1.23 -19.79
N LEU A 56 -13.95 1.67 -19.16
CA LEU A 56 -14.00 2.96 -18.49
C LEU A 56 -12.98 3.14 -17.33
N VAL A 57 -12.59 2.04 -16.69
CA VAL A 57 -11.65 2.08 -15.58
C VAL A 57 -10.54 1.01 -15.72
N TRP A 58 -10.92 -0.22 -16.06
CA TRP A 58 -10.00 -1.29 -16.46
C TRP A 58 -10.16 -1.67 -17.94
N LYS A 59 -9.12 -2.28 -18.53
CA LYS A 59 -9.26 -2.86 -19.88
C LYS A 59 -9.83 -4.30 -19.87
N GLY A 64 -10.44 -13.43 -17.73
CA GLY A 64 -10.43 -12.10 -17.08
C GLY A 64 -10.21 -12.17 -15.58
N LEU A 65 -11.26 -12.44 -14.81
CA LEU A 65 -11.14 -12.74 -13.39
C LEU A 65 -11.56 -14.20 -13.22
N PRO A 66 -11.07 -14.88 -12.18
CA PRO A 66 -11.74 -16.18 -11.95
C PRO A 66 -13.26 -15.99 -11.82
N PRO A 67 -14.05 -16.94 -12.37
CA PRO A 67 -15.51 -16.87 -12.21
C PRO A 67 -15.88 -16.61 -10.75
N TYR A 68 -16.94 -15.87 -10.54
CA TYR A 68 -17.45 -15.57 -9.19
C TYR A 68 -18.95 -15.78 -9.28
N LYS A 69 -19.66 -15.81 -8.16
CA LYS A 69 -21.09 -16.06 -8.23
C LYS A 69 -21.84 -14.94 -7.58
N GLU A 70 -21.13 -13.97 -7.01
CA GLU A 70 -21.75 -12.87 -6.37
C GLU A 70 -20.79 -11.67 -6.39
N ILE A 71 -21.35 -10.48 -6.16
CA ILE A 71 -20.66 -9.22 -6.22
C ILE A 71 -19.56 -9.16 -5.12
N SER A 72 -19.77 -9.81 -3.94
CA SER A 72 -18.77 -9.78 -2.85
C SER A 72 -17.48 -10.48 -3.26
N VAL A 73 -17.64 -11.65 -3.85
CA VAL A 73 -16.44 -12.36 -4.36
C VAL A 73 -15.79 -11.59 -5.49
N HIS A 74 -16.60 -11.02 -6.38
CA HIS A 74 -16.14 -10.24 -7.48
C HIS A 74 -15.28 -9.11 -6.99
N VAL A 75 -15.74 -8.31 -6.03
CA VAL A 75 -14.92 -7.25 -5.47
C VAL A 75 -13.65 -7.80 -4.78
N PHE A 76 -13.81 -8.90 -4.05
CA PHE A 76 -12.68 -9.57 -3.46
C PHE A 76 -11.62 -9.79 -4.50
N TYR A 77 -12.02 -10.22 -5.67
CA TYR A 77 -11.02 -10.48 -6.73
C TYR A 77 -10.46 -9.22 -7.30
N ARG A 78 -11.25 -8.13 -7.33
CA ARG A 78 -10.76 -6.81 -7.78
C ARG A 78 -9.69 -6.30 -6.80
N CYS A 79 -9.94 -6.45 -5.49
CA CYS A 79 -8.90 -6.20 -4.48
C CYS A 79 -7.59 -7.01 -4.72
N GLN A 80 -7.73 -8.29 -5.01
CA GLN A 80 -6.50 -9.07 -5.38
C GLN A 80 -5.74 -8.57 -6.60
N CYS A 81 -6.45 -8.03 -7.57
CA CYS A 81 -5.80 -7.52 -8.81
C CYS A 81 -4.93 -6.34 -8.50
N THR A 82 -5.46 -5.42 -7.74
CA THR A 82 -4.76 -4.26 -7.26
C THR A 82 -3.55 -4.54 -6.45
N THR A 83 -3.65 -5.51 -5.58
CA THR A 83 -2.63 -5.85 -4.62
C THR A 83 -1.52 -6.43 -5.48
N VAL A 84 -1.84 -7.26 -6.47
CA VAL A 84 -0.82 -7.87 -7.28
C VAL A 84 -0.17 -6.75 -8.07
N GLU A 85 -0.98 -5.86 -8.64
CA GLU A 85 -0.36 -4.79 -9.37
C GLU A 85 0.54 -3.98 -8.43
N THR A 86 0.10 -3.69 -7.19
CA THR A 86 0.94 -2.90 -6.24
C THR A 86 2.19 -3.61 -5.78
N VAL A 87 2.17 -4.92 -5.69
CA VAL A 87 3.34 -5.72 -5.31
C VAL A 87 4.38 -5.65 -6.40
N ARG A 88 3.90 -5.58 -7.63
CA ARG A 88 4.81 -5.59 -8.77
C ARG A 88 5.55 -4.27 -8.82
N GLU A 89 4.83 -3.17 -8.66
CA GLU A 89 5.51 -1.85 -8.59
C GLU A 89 6.39 -1.61 -7.33
N LEU A 90 5.92 -2.09 -6.16
CA LEU A 90 6.75 -2.11 -4.93
C LEU A 90 8.07 -2.87 -5.11
N THR A 91 8.00 -3.98 -5.78
CA THR A 91 9.26 -4.71 -6.10
C THR A 91 10.25 -3.86 -6.93
N GLU A 92 9.77 -3.14 -7.95
CA GLU A 92 10.69 -2.36 -8.76
C GLU A 92 11.18 -1.11 -7.98
N PHE A 93 10.27 -0.51 -7.24
CA PHE A 93 10.72 0.54 -6.33
C PHE A 93 11.85 0.00 -5.48
N ALA A 94 11.64 -1.14 -4.83
CA ALA A 94 12.67 -1.57 -3.92
C ALA A 94 13.98 -1.87 -4.71
N LYS A 95 13.87 -2.52 -5.85
CA LYS A 95 15.05 -2.86 -6.59
C LYS A 95 15.90 -1.62 -6.82
N SER A 96 15.34 -0.41 -6.57
CA SER A 96 16.12 0.88 -6.69
C SER A 96 16.51 1.56 -5.41
N ILE A 97 16.07 1.08 -4.24
CA ILE A 97 16.54 1.67 -3.00
C ILE A 97 18.02 1.28 -2.81
N PRO A 98 18.87 2.25 -2.35
CA PRO A 98 20.32 2.03 -2.22
C PRO A 98 20.69 0.81 -1.44
N SER A 99 21.19 -0.16 -2.21
CA SER A 99 21.78 -1.32 -1.66
C SER A 99 20.74 -2.28 -1.20
N PHE A 100 19.49 -2.05 -1.61
CA PHE A 100 18.52 -3.11 -1.45
C PHE A 100 18.95 -4.23 -2.42
N GLY A 101 19.36 -3.80 -3.59
CA GLY A 101 19.67 -4.64 -4.78
C GLY A 101 20.83 -5.59 -4.55
N SER A 102 21.65 -5.23 -3.55
CA SER A 102 22.86 -5.91 -3.17
C SER A 102 22.68 -6.85 -1.95
N LEU A 103 21.45 -6.95 -1.41
CA LEU A 103 21.23 -7.94 -0.35
C LEU A 103 21.23 -9.27 -1.08
N PHE A 104 21.31 -10.37 -0.34
CA PHE A 104 21.08 -11.68 -0.97
C PHE A 104 19.68 -11.78 -1.56
N LEU A 105 19.58 -12.42 -2.73
CA LEU A 105 18.34 -12.28 -3.49
C LEU A 105 17.14 -12.82 -2.65
N ASN A 106 17.39 -13.86 -1.84
CA ASN A 106 16.40 -14.41 -0.93
C ASN A 106 15.97 -13.47 0.20
N ASP A 107 16.89 -12.60 0.66
CA ASP A 107 16.51 -11.64 1.64
C ASP A 107 15.63 -10.54 1.01
N GLN A 108 15.91 -10.19 -0.23
CA GLN A 108 15.05 -9.26 -0.94
C GLN A 108 13.61 -9.75 -1.01
N VAL A 109 13.47 -11.02 -1.38
CA VAL A 109 12.20 -11.69 -1.50
C VAL A 109 11.49 -11.76 -0.15
N THR A 110 12.26 -12.12 0.90
CA THR A 110 11.72 -12.18 2.27
C THR A 110 11.23 -10.82 2.70
N LEU A 111 12.01 -9.78 2.48
CA LEU A 111 11.64 -8.41 2.77
C LEU A 111 10.38 -8.03 2.00
N LEU A 112 10.37 -8.31 0.71
CA LEU A 112 9.05 -8.11 0.05
C LEU A 112 7.93 -9.02 0.48
N LYS A 113 8.10 -10.33 0.54
CA LYS A 113 7.02 -11.19 1.08
C LYS A 113 6.34 -10.50 2.26
N TYR A 114 7.19 -10.20 3.26
CA TYR A 114 6.67 -9.66 4.60
C TYR A 114 6.42 -8.18 4.69
N GLY A 115 6.99 -7.38 3.78
CA GLY A 115 6.52 -5.94 3.89
C GLY A 115 5.52 -5.34 2.89
N VAL A 116 5.13 -6.05 1.81
CA VAL A 116 4.33 -5.39 0.79
C VAL A 116 2.95 -5.01 1.26
N HIS A 117 2.35 -5.81 2.14
CA HIS A 117 0.89 -5.44 2.49
C HIS A 117 0.94 -4.25 3.44
N GLU A 118 1.88 -4.20 4.38
CA GLU A 118 2.05 -2.92 5.12
C GLU A 118 2.21 -1.67 4.18
N ALA A 119 3.13 -1.73 3.19
CA ALA A 119 3.37 -0.63 2.27
C ALA A 119 2.08 -0.36 1.51
N ILE A 120 1.42 -1.42 1.11
CA ILE A 120 0.27 -1.24 0.28
C ILE A 120 -0.81 -0.54 1.02
N PHE A 121 -1.03 -0.90 2.27
CA PHE A 121 -2.09 -0.26 3.06
C PHE A 121 -1.79 1.21 3.37
N ALA A 122 -0.52 1.58 3.52
CA ALA A 122 -0.09 2.98 3.65
C ALA A 122 -0.36 3.75 2.41
N MET A 123 -0.01 3.16 1.29
CA MET A 123 -0.29 3.84 0.04
C MET A 123 -1.73 3.87 -0.44
N LEU A 124 -2.59 2.91 -0.14
CA LEU A 124 -4.00 3.07 -0.56
C LEU A 124 -4.52 4.35 0.02
N ALA A 125 -3.99 4.69 1.18
CA ALA A 125 -4.58 5.83 1.97
C ALA A 125 -4.58 7.13 1.19
N SER A 126 -3.60 7.25 0.32
CA SER A 126 -3.40 8.44 -0.54
C SER A 126 -4.67 8.60 -1.41
N LEU A 127 -5.33 7.47 -1.72
CA LEU A 127 -6.45 7.41 -2.65
C LEU A 127 -7.80 7.65 -1.96
N VAL A 128 -7.80 7.89 -0.64
CA VAL A 128 -8.99 7.78 0.25
C VAL A 128 -9.53 9.14 0.73
N ASN A 129 -10.86 9.31 0.76
CA ASN A 129 -11.49 10.37 1.57
C ASN A 129 -12.58 9.65 2.38
N LYS A 130 -13.25 10.33 3.28
CA LYS A 130 -14.25 9.64 4.09
C LYS A 130 -15.25 8.81 3.26
N ASP A 131 -15.52 9.20 2.00
CA ASP A 131 -16.61 8.59 1.18
C ASP A 131 -16.25 7.46 0.26
N GLY A 132 -14.97 7.29 -0.05
CA GLY A 132 -14.59 6.19 -0.94
C GLY A 132 -13.12 6.36 -1.20
N LEU A 133 -12.67 5.72 -2.26
CA LEU A 133 -11.31 5.85 -2.70
C LEU A 133 -11.16 5.68 -4.22
N LEU A 134 -10.18 6.40 -4.82
CA LEU A 134 -9.83 6.30 -6.26
C LEU A 134 -9.21 4.98 -6.48
N VAL A 135 -9.45 4.45 -7.67
CA VAL A 135 -8.95 3.15 -8.00
C VAL A 135 -8.42 3.25 -9.42
N ALA A 136 -7.80 2.16 -9.87
CA ALA A 136 -7.12 2.15 -11.16
C ALA A 136 -6.27 3.40 -11.09
N ASN A 137 -6.15 4.18 -12.13
CA ASN A 137 -5.18 5.22 -11.87
C ASN A 137 -5.91 6.52 -11.75
N GLY A 138 -6.98 6.46 -11.01
CA GLY A 138 -7.70 7.68 -10.69
C GLY A 138 -8.92 7.74 -11.60
N SER A 139 -9.07 6.73 -12.47
CA SER A 139 -10.22 6.73 -13.37
C SER A 139 -11.56 6.39 -12.74
N GLY A 140 -11.55 5.64 -11.61
CA GLY A 140 -12.77 5.29 -10.86
C GLY A 140 -12.71 5.69 -9.39
N PHE A 141 -13.90 5.76 -8.80
CA PHE A 141 -14.04 6.06 -7.38
C PHE A 141 -15.02 5.08 -6.78
N VAL A 142 -14.53 4.22 -5.88
CA VAL A 142 -15.40 3.28 -5.26
C VAL A 142 -15.94 3.85 -3.96
N THR A 143 -17.25 3.76 -3.75
CA THR A 143 -17.82 4.34 -2.52
C THR A 143 -17.60 3.42 -1.34
N ARG A 144 -17.32 4.03 -0.18
CA ARG A 144 -17.26 3.34 1.04
C ARG A 144 -18.63 2.68 1.32
N GLU A 145 -19.76 3.39 1.02
CA GLU A 145 -21.09 2.75 1.23
C GLU A 145 -21.31 1.47 0.45
N PHE A 146 -21.04 1.46 -0.85
CA PHE A 146 -21.01 0.19 -1.57
C PHE A 146 -20.14 -0.89 -0.87
N LEU A 147 -18.95 -0.54 -0.41
CA LEU A 147 -18.10 -1.61 0.14
C LEU A 147 -18.59 -2.06 1.52
N ARG A 148 -19.22 -1.15 2.31
CA ARG A 148 -19.84 -1.51 3.60
C ARG A 148 -21.05 -2.38 3.37
N SER A 149 -21.49 -2.50 2.12
CA SER A 149 -22.74 -3.17 1.76
C SER A 149 -22.52 -4.64 1.41
N LEU A 150 -21.32 -4.99 0.97
CA LEU A 150 -20.99 -6.33 0.66
C LEU A 150 -21.22 -7.20 1.85
N ARG A 151 -21.29 -8.51 1.65
CA ARG A 151 -21.62 -9.32 2.83
C ARG A 151 -20.38 -9.47 3.74
N LYS A 152 -20.55 -9.58 5.06
CA LYS A 152 -19.40 -10.10 5.86
C LYS A 152 -19.05 -11.49 5.24
N PRO A 153 -17.79 -11.90 5.29
CA PRO A 153 -16.54 -11.36 5.78
C PRO A 153 -15.90 -10.30 4.89
N PHE A 154 -16.49 -10.00 3.75
CA PHE A 154 -15.79 -9.19 2.74
C PHE A 154 -15.72 -7.74 3.10
N SER A 155 -16.78 -7.28 3.77
CA SER A 155 -16.90 -5.90 4.02
C SER A 155 -16.12 -5.64 5.29
N ASP A 156 -16.01 -6.67 6.13
CA ASP A 156 -15.18 -6.47 7.33
C ASP A 156 -13.70 -6.30 7.04
N ILE A 157 -13.17 -7.04 6.03
CA ILE A 157 -11.76 -6.96 5.70
C ILE A 157 -11.39 -5.63 5.01
N ILE A 158 -12.39 -4.93 4.50
CA ILE A 158 -12.16 -3.67 3.79
C ILE A 158 -12.19 -2.41 4.71
N GLU A 159 -13.17 -2.38 5.60
CA GLU A 159 -13.41 -1.18 6.44
C GLU A 159 -12.24 -0.75 7.30
N PRO A 160 -11.42 -1.71 7.87
CA PRO A 160 -10.31 -1.26 8.72
C PRO A 160 -9.30 -0.34 7.94
N LYS A 161 -9.22 -0.49 6.62
CA LYS A 161 -8.32 0.28 5.80
C LYS A 161 -8.75 1.68 5.59
N PHE A 162 -10.06 1.91 5.53
CA PHE A 162 -10.53 3.26 5.59
C PHE A 162 -10.29 3.81 6.95
N GLU A 163 -10.62 3.10 8.05
CA GLU A 163 -10.27 3.67 9.35
C GLU A 163 -8.81 4.05 9.48
N PHE A 164 -7.87 3.15 9.13
CA PHE A 164 -6.44 3.53 9.10
C PHE A 164 -6.23 4.79 8.23
N ALA A 165 -6.70 4.72 6.97
CA ALA A 165 -6.47 5.81 5.99
C ALA A 165 -6.83 7.18 6.47
N VAL A 166 -8.05 7.39 6.95
CA VAL A 166 -8.41 8.76 7.33
C VAL A 166 -7.54 9.33 8.40
N LYS A 167 -7.15 8.53 9.38
CA LYS A 167 -6.32 9.10 10.45
C LYS A 167 -4.89 9.41 9.88
N PHE A 168 -4.45 8.57 8.95
CA PHE A 168 -3.14 8.67 8.37
C PHE A 168 -3.03 9.97 7.58
N ASN A 169 -4.10 10.29 6.88
CA ASN A 169 -4.21 11.47 6.02
C ASN A 169 -4.26 12.79 6.78
N ALA A 170 -4.70 12.67 8.03
CA ALA A 170 -4.72 13.77 8.99
C ALA A 170 -3.30 14.26 9.22
N LEU A 171 -2.30 13.40 8.99
CA LEU A 171 -0.87 13.79 9.09
C LEU A 171 -0.28 14.56 7.88
N GLU A 172 -0.98 14.58 6.77
CA GLU A 172 -0.61 15.39 5.66
C GLU A 172 0.75 15.13 5.07
N LEU A 173 1.11 13.88 4.97
CA LEU A 173 2.32 13.50 4.25
C LEU A 173 2.18 13.78 2.77
N ASP A 174 3.30 13.97 2.06
CA ASP A 174 3.28 14.17 0.67
C ASP A 174 4.08 13.04 0.01
N ASP A 175 4.14 13.01 -1.29
CA ASP A 175 4.82 11.89 -1.92
C ASP A 175 6.26 11.75 -1.47
N SER A 176 6.97 12.87 -1.24
CA SER A 176 8.41 12.88 -0.88
C SER A 176 8.60 12.20 0.48
N ASP A 177 7.70 12.51 1.40
CA ASP A 177 7.66 11.82 2.68
C ASP A 177 7.31 10.30 2.54
N LEU A 178 6.29 9.99 1.73
CA LEU A 178 5.84 8.60 1.65
C LEU A 178 6.91 7.78 1.04
N ALA A 179 7.74 8.30 0.13
CA ALA A 179 8.76 7.46 -0.48
C ALA A 179 9.73 6.92 0.58
N LEU A 180 10.07 7.73 1.58
CA LEU A 180 10.99 7.30 2.58
C LEU A 180 10.27 6.42 3.60
N PHE A 181 8.98 6.63 3.78
CA PHE A 181 8.22 5.91 4.82
C PHE A 181 8.14 4.46 4.32
N ILE A 182 7.85 4.36 3.01
CA ILE A 182 7.62 3.06 2.39
C ILE A 182 8.95 2.29 2.37
N ALA A 183 10.03 2.95 1.95
CA ALA A 183 11.38 2.36 2.06
C ALA A 183 11.66 1.78 3.42
N ALA A 184 11.33 2.54 4.46
CA ALA A 184 11.56 2.09 5.83
C ALA A 184 10.72 0.89 6.20
N ILE A 185 9.46 0.85 5.71
CA ILE A 185 8.58 -0.24 6.03
C ILE A 185 9.29 -1.48 5.35
N ILE A 186 9.75 -1.33 4.14
CA ILE A 186 10.31 -2.57 3.42
C ILE A 186 11.68 -3.05 3.94
N LEU A 187 12.56 -2.12 4.30
CA LEU A 187 13.86 -2.50 4.84
C LEU A 187 13.78 -2.84 6.33
N CYS A 188 13.17 -3.96 6.70
CA CYS A 188 12.86 -4.24 8.12
C CYS A 188 13.63 -5.48 8.58
N GLY A 189 14.46 -5.36 9.64
CA GLY A 189 15.41 -6.38 10.06
C GLY A 189 14.71 -7.49 10.77
N ASP A 190 13.46 -7.30 11.09
CA ASP A 190 12.88 -8.43 11.77
C ASP A 190 11.90 -9.34 11.04
N ARG A 191 11.82 -9.28 9.74
CA ARG A 191 10.97 -10.21 9.03
C ARG A 191 11.52 -11.58 9.34
N PRO A 192 10.65 -12.59 9.40
CA PRO A 192 11.18 -13.94 9.60
C PRO A 192 11.99 -14.51 8.44
N GLY A 193 13.01 -15.28 8.82
CA GLY A 193 13.76 -16.05 7.86
C GLY A 193 14.84 -15.21 7.22
N LEU A 194 14.98 -13.96 7.58
CA LEU A 194 16.08 -13.15 6.94
C LEU A 194 17.45 -13.72 7.35
N MET A 195 18.42 -13.74 6.44
CA MET A 195 19.77 -14.15 6.73
C MET A 195 20.72 -13.08 7.32
N ASN A 196 20.75 -11.89 6.73
CA ASN A 196 21.65 -10.86 7.13
C ASN A 196 20.84 -9.76 7.74
N VAL A 197 20.32 -10.01 8.92
CA VAL A 197 19.67 -8.98 9.76
C VAL A 197 20.49 -7.69 9.93
N PRO A 198 21.78 -7.82 10.35
CA PRO A 198 22.50 -6.56 10.64
C PRO A 198 22.53 -5.64 9.44
N ARG A 199 22.67 -6.17 8.23
CA ARG A 199 22.83 -5.32 7.07
C ARG A 199 21.51 -4.66 6.72
N VAL A 200 20.41 -5.37 6.81
CA VAL A 200 19.10 -4.77 6.55
C VAL A 200 18.82 -3.67 7.59
N GLU A 201 19.19 -3.99 8.82
CA GLU A 201 19.00 -3.11 9.98
C GLU A 201 19.77 -1.86 9.77
N ALA A 202 20.87 -2.01 9.06
CA ALA A 202 21.76 -0.92 8.77
C ALA A 202 21.21 -0.04 7.65
N ILE A 203 20.75 -0.65 6.55
CA ILE A 203 20.11 0.15 5.52
C ILE A 203 18.91 0.81 6.10
N GLN A 204 18.20 0.11 6.97
CA GLN A 204 17.00 0.73 7.52
C GLN A 204 17.32 1.98 8.30
N ASP A 205 18.43 1.96 9.02
CA ASP A 205 18.79 3.14 9.87
C ASP A 205 19.18 4.34 9.05
N THR A 206 19.91 4.13 7.95
CA THR A 206 20.12 5.21 7.04
C THR A 206 18.75 5.79 6.55
N ILE A 207 17.79 4.90 6.21
CA ILE A 207 16.53 5.37 5.67
C ILE A 207 15.82 6.25 6.70
N LEU A 208 15.78 5.84 7.96
CA LEU A 208 15.07 6.54 9.07
C LEU A 208 15.77 7.86 9.41
N ARG A 209 17.09 7.88 9.33
CA ARG A 209 17.82 9.14 9.51
C ARG A 209 17.46 10.08 8.36
N ALA A 210 17.31 9.52 7.15
CA ALA A 210 16.97 10.35 6.00
C ALA A 210 15.56 10.96 6.19
N LEU A 211 14.65 10.13 6.68
CA LEU A 211 13.26 10.58 6.91
C LEU A 211 13.20 11.60 8.01
N GLU A 212 13.85 11.29 9.11
CA GLU A 212 13.87 12.24 10.24
C GLU A 212 14.37 13.61 9.79
N PHE A 213 15.41 13.61 8.97
CA PHE A 213 15.95 14.85 8.41
C PHE A 213 14.94 15.54 7.53
N HIS A 214 14.41 14.75 6.62
CA HIS A 214 13.48 15.19 5.64
C HIS A 214 12.25 15.76 6.29
N LEU A 215 11.71 15.14 7.32
CA LEU A 215 10.53 15.66 7.93
C LEU A 215 10.80 16.98 8.66
N GLN A 216 12.01 17.15 9.22
CA GLN A 216 12.34 18.40 9.93
C GLN A 216 12.49 19.57 8.94
N ALA A 217 12.95 19.28 7.74
CA ALA A 217 12.97 20.27 6.68
C ALA A 217 11.59 20.50 6.05
N ASN A 218 10.95 19.44 5.60
CA ASN A 218 9.73 19.52 4.82
C ASN A 218 8.51 19.90 5.70
N HIS A 219 8.48 19.51 6.97
CA HIS A 219 7.35 19.83 7.83
C HIS A 219 7.83 20.60 9.10
N PRO A 220 8.30 21.85 8.93
CA PRO A 220 8.98 22.40 10.12
C PRO A 220 8.08 22.54 11.35
N ASP A 221 6.78 22.65 11.21
CA ASP A 221 6.03 22.96 12.41
C ASP A 221 5.51 21.74 13.15
N ALA A 222 5.52 20.57 12.48
CA ALA A 222 5.10 19.28 13.09
C ALA A 222 6.24 18.67 13.92
N GLN A 223 6.29 19.02 15.22
CA GLN A 223 7.52 18.74 16.02
C GLN A 223 7.66 17.30 16.37
N TYR A 224 6.54 16.62 16.33
CA TYR A 224 6.46 15.24 16.72
C TYR A 224 6.14 14.27 15.59
N LEU A 225 6.20 14.69 14.34
CA LEU A 225 5.79 13.82 13.23
C LEU A 225 6.64 12.52 13.17
N PHE A 226 7.93 12.62 13.47
CA PHE A 226 8.78 11.48 13.24
C PHE A 226 8.41 10.27 14.10
N PRO A 227 8.37 10.40 15.46
CA PRO A 227 7.88 9.24 16.28
C PRO A 227 6.42 8.93 16.02
N LYS A 228 5.68 9.91 15.47
CA LYS A 228 4.27 9.71 15.06
C LYS A 228 4.19 8.73 13.89
N LEU A 229 5.15 8.82 12.98
CA LEU A 229 5.24 7.97 11.80
C LEU A 229 5.82 6.63 12.16
N LEU A 230 6.86 6.57 13.01
CA LEU A 230 7.24 5.28 13.60
C LEU A 230 6.07 4.51 14.21
N GLN A 231 5.24 5.19 14.98
CA GLN A 231 4.07 4.52 15.45
C GLN A 231 3.09 4.04 14.33
N LYS A 232 2.82 4.85 13.30
CA LYS A 232 1.97 4.37 12.15
C LYS A 232 2.59 3.07 11.54
N MET A 233 3.89 2.96 11.46
CA MET A 233 4.45 1.66 10.93
C MET A 233 4.06 0.56 11.88
N ALA A 234 3.96 0.85 13.19
CA ALA A 234 3.60 -0.23 14.11
C ALA A 234 2.15 -0.53 13.96
N ASP A 235 1.31 0.49 13.79
CA ASP A 235 -0.15 0.35 13.43
C ASP A 235 -0.36 -0.46 12.14
N LEU A 236 0.49 -0.27 11.16
CA LEU A 236 0.44 -1.09 9.96
C LEU A 236 0.80 -2.50 10.17
N ARG A 237 1.78 -2.77 11.02
CA ARG A 237 2.10 -4.13 11.30
C ARG A 237 0.86 -4.81 11.93
N GLN A 238 0.19 -4.14 12.87
CA GLN A 238 -0.91 -4.76 13.49
C GLN A 238 -2.12 -4.90 12.50
N LEU A 239 -2.30 -3.87 11.65
CA LEU A 239 -3.35 -3.85 10.69
C LEU A 239 -3.19 -4.99 9.77
N VAL A 240 -1.94 -5.36 9.47
CA VAL A 240 -1.67 -6.43 8.52
C VAL A 240 -1.71 -7.84 9.19
N THR A 241 -1.37 -7.90 10.48
CA THR A 241 -1.71 -9.05 11.32
C THR A 241 -3.15 -9.40 11.27
N GLU A 242 -4.00 -8.42 11.65
CA GLU A 242 -5.44 -8.52 11.49
C GLU A 242 -5.85 -8.94 10.08
N HIS A 243 -5.29 -8.32 9.04
CA HIS A 243 -5.72 -8.65 7.68
C HIS A 243 -5.44 -10.12 7.36
N ALA A 244 -4.28 -10.60 7.72
CA ALA A 244 -3.91 -11.95 7.33
C ALA A 244 -4.80 -12.91 8.14
N GLN A 245 -5.26 -12.54 9.33
CA GLN A 245 -6.14 -13.43 10.08
C GLN A 245 -7.50 -13.51 9.38
N MET A 246 -7.94 -12.39 8.79
CA MET A 246 -9.18 -12.44 8.03
C MET A 246 -9.05 -13.15 6.73
N MET A 247 -7.89 -13.12 6.10
CA MET A 247 -7.75 -13.84 4.85
C MET A 247 -7.81 -15.32 5.08
N GLN A 248 -7.38 -15.72 6.28
CA GLN A 248 -7.33 -17.11 6.71
C GLN A 248 -8.74 -17.51 7.01
N ARG A 249 -9.47 -16.69 7.76
CA ARG A 249 -10.92 -16.96 7.90
C ARG A 249 -11.68 -17.17 6.55
N ILE A 250 -11.46 -16.28 5.58
CA ILE A 250 -12.06 -16.40 4.23
C ILE A 250 -11.64 -17.67 3.51
N LYS A 251 -10.37 -18.02 3.61
CA LYS A 251 -9.92 -19.27 3.07
C LYS A 251 -10.59 -20.48 3.73
N LYS A 252 -10.83 -20.42 5.04
CA LYS A 252 -11.42 -21.55 5.76
C LYS A 252 -12.92 -21.67 5.48
N THR A 253 -13.61 -20.55 5.42
CA THR A 253 -15.05 -20.53 5.30
C THR A 253 -15.61 -20.28 3.87
N GLU A 254 -14.92 -19.56 3.00
CA GLU A 254 -15.49 -19.30 1.69
C GLU A 254 -14.71 -20.18 0.71
N THR A 255 -15.05 -21.44 0.63
CA THR A 255 -14.23 -22.40 -0.14
C THR A 255 -14.42 -22.34 -1.65
N GLU A 256 -15.45 -21.66 -2.12
CA GLU A 256 -15.50 -21.42 -3.58
C GLU A 256 -14.38 -20.53 -4.08
N THR A 257 -14.21 -19.37 -3.41
CA THR A 257 -13.22 -18.31 -3.72
C THR A 257 -11.75 -18.76 -3.84
N SER A 258 -11.02 -18.11 -4.72
CA SER A 258 -9.61 -18.48 -4.94
C SER A 258 -8.63 -17.31 -4.64
N LEU A 259 -7.32 -17.58 -4.70
CA LEU A 259 -6.34 -16.58 -4.38
C LEU A 259 -5.31 -16.59 -5.48
N HIS A 260 -4.96 -15.39 -5.94
CA HIS A 260 -4.00 -15.26 -7.00
C HIS A 260 -2.73 -15.96 -6.62
N PRO A 261 -2.06 -16.64 -7.57
CA PRO A 261 -0.86 -17.44 -7.21
C PRO A 261 0.25 -16.68 -6.49
N LEU A 262 0.55 -15.46 -6.93
CA LEU A 262 1.52 -14.63 -6.24
C LEU A 262 1.09 -14.36 -4.80
N LEU A 263 -0.19 -14.09 -4.56
CA LEU A 263 -0.64 -13.87 -3.21
C LEU A 263 -0.50 -15.15 -2.45
N GLN A 264 -0.54 -16.26 -3.19
CA GLN A 264 -0.55 -17.55 -2.54
C GLN A 264 0.84 -17.77 -2.01
N GLU A 265 1.84 -17.45 -2.82
CA GLU A 265 3.23 -17.55 -2.32
C GLU A 265 3.39 -16.59 -1.14
N ILE A 266 2.91 -15.35 -1.29
CA ILE A 266 3.21 -14.36 -0.27
C ILE A 266 2.68 -14.94 1.00
N TYR A 267 1.49 -15.55 0.91
CA TYR A 267 0.85 -16.12 2.12
C TYR A 267 1.37 -17.52 2.52
N LYS A 268 2.12 -18.19 1.64
CA LYS A 268 2.71 -19.50 1.93
C LYS A 268 3.33 -19.58 3.30
N ASP A 269 3.01 -20.72 3.93
CA ASP A 269 3.02 -20.92 5.38
C ASP A 269 1.59 -21.08 5.87
#